data_1B5E
#
_entry.id   1B5E
#
_cell.length_a   174.220
_cell.length_b   53.120
_cell.length_c   75.170
_cell.angle_alpha   90.00
_cell.angle_beta   115.29
_cell.angle_gamma   90.00
#
_symmetry.space_group_name_H-M   'C 1 2 1'
#
loop_
_entity.id
_entity.type
_entity.pdbx_description
1 polymer 'PROTEIN (DEOXYCYTIDYLATE HYDROXYMETHYLASE)'
2 non-polymer "2'-DEOXYCYTIDINE-5'-MONOPHOSPHATE"
3 water water
#
_entity_poly.entity_id   1
_entity_poly.type   'polypeptide(L)'
_entity_poly.pdbx_seq_one_letter_code
;MISDSMTVEEIRLHLGLALKEKDFVVDKTGVKTIEIIGASFVADEPFIFGALNDEYIQRELEWYKSKSLFVKDIPGETPK
IWQQVASSKGEINSNYGWAIWSEDNYAQYDMCLAELGQNPDSRRGIMIYTRPSMQFDYNKDGMSDFMCTNTVQYLIRDKK
INAVVNMRSNDVVFGFRNDYAWQKYVLDKLVSDLNAGDSTRQYKAGSIIWNVGSLHVYSRHFYLVDHWWKTGETHISKKD
YVGKYA
;
_entity_poly.pdbx_strand_id   A,B
#
# COMPACT_ATOMS: atom_id res chain seq x y z
N MET A 1 -10.29 14.89 -4.93
CA MET A 1 -9.55 15.58 -3.84
C MET A 1 -8.52 14.67 -3.17
N ILE A 2 -7.42 15.26 -2.70
CA ILE A 2 -6.46 14.55 -1.87
C ILE A 2 -7.02 14.42 -0.44
N SER A 3 -6.86 13.24 0.15
CA SER A 3 -7.35 12.99 1.49
C SER A 3 -6.72 13.92 2.54
N ASP A 4 -7.52 14.29 3.54
CA ASP A 4 -7.08 15.15 4.64
C ASP A 4 -6.27 14.32 5.64
N SER A 5 -4.95 14.33 5.49
CA SER A 5 -4.11 13.39 6.22
C SER A 5 -3.41 14.01 7.43
N MET A 6 -2.85 13.15 8.28
CA MET A 6 -1.93 13.58 9.31
C MET A 6 -0.70 14.19 8.66
N THR A 7 0.00 15.03 9.42
CA THR A 7 1.30 15.51 9.00
C THR A 7 2.37 14.83 9.83
N VAL A 8 3.64 15.11 9.52
CA VAL A 8 4.75 14.59 10.28
C VAL A 8 4.71 15.06 11.75
N GLU A 9 4.27 16.29 11.99
CA GLU A 9 4.18 16.79 13.36
C GLU A 9 3.24 15.93 14.21
N GLU A 10 2.12 15.53 13.62
CA GLU A 10 1.16 14.70 14.31
C GLU A 10 1.67 13.27 14.54
N ILE A 11 2.41 12.74 13.57
CA ILE A 11 3.11 11.47 13.76
C ILE A 11 4.06 11.52 14.95
N ARG A 12 4.82 12.61 15.07
CA ARG A 12 5.72 12.80 16.20
C ARG A 12 4.94 12.68 17.50
N LEU A 13 3.80 13.36 17.56
CA LEU A 13 2.95 13.36 18.75
C LEU A 13 2.51 11.93 19.11
N HIS A 14 2.05 11.18 18.11
CA HIS A 14 1.54 9.84 18.38
C HIS A 14 2.63 8.87 18.78
N LEU A 15 3.84 9.08 18.27
CA LEU A 15 4.98 8.27 18.70
C LEU A 15 5.37 8.59 20.13
N GLY A 16 5.32 9.88 20.48
CA GLY A 16 5.63 10.30 21.83
C GLY A 16 4.61 9.75 22.82
N LEU A 17 3.35 9.68 22.39
CA LEU A 17 2.28 9.08 23.18
C LEU A 17 2.54 7.59 23.41
N ALA A 18 2.92 6.87 22.35
CA ALA A 18 3.20 5.44 22.47
C ALA A 18 4.33 5.15 23.45
N LEU A 19 5.35 6.00 23.47
CA LEU A 19 6.47 5.84 24.39
C LEU A 19 6.05 6.15 25.82
N LYS A 20 5.24 7.20 25.98
CA LYS A 20 4.75 7.63 27.29
C LYS A 20 3.92 6.52 27.93
N GLU A 21 3.24 5.73 27.10
CA GLU A 21 2.37 4.69 27.60
C GLU A 21 3.04 3.32 27.64
N LYS A 22 4.33 3.27 27.31
CA LYS A 22 5.08 2.01 27.29
C LYS A 22 4.44 0.96 26.38
N ASP A 23 3.97 1.41 25.21
CA ASP A 23 3.33 0.53 24.25
C ASP A 23 4.41 -0.14 23.39
N PHE A 24 5.07 -1.14 23.96
CA PHE A 24 6.23 -1.76 23.31
C PHE A 24 5.88 -3.04 22.56
N VAL A 25 6.51 -3.21 21.40
CA VAL A 25 6.44 -4.45 20.63
C VAL A 25 7.87 -5.00 20.46
N VAL A 26 8.02 -6.31 20.64
CA VAL A 26 9.34 -6.95 20.55
C VAL A 26 9.76 -7.23 19.09
N ASP A 27 10.91 -6.69 18.73
CA ASP A 27 11.46 -6.84 17.39
C ASP A 27 11.95 -8.26 17.20
N LYS A 28 12.16 -8.66 15.94
CA LYS A 28 12.72 -9.96 15.62
C LYS A 28 14.15 -10.14 16.17
N THR A 29 14.87 -9.04 16.40
CA THR A 29 16.19 -9.10 16.99
C THR A 29 16.14 -9.17 18.52
N GLY A 30 14.93 -9.16 19.07
CA GLY A 30 14.74 -9.27 20.50
C GLY A 30 14.66 -7.94 21.23
N VAL A 31 14.88 -6.85 20.51
CA VAL A 31 14.84 -5.50 21.08
C VAL A 31 13.43 -4.87 21.02
N LYS A 32 13.15 -3.94 21.93
CA LYS A 32 11.84 -3.26 21.96
C LYS A 32 11.68 -2.20 20.87
N THR A 33 10.44 -2.01 20.41
CA THR A 33 10.10 -0.90 19.52
C THR A 33 8.80 -0.27 19.99
N ILE A 34 8.59 1.00 19.64
CA ILE A 34 7.25 1.57 19.65
C ILE A 34 6.79 1.71 18.20
N GLU A 35 5.49 1.75 18.00
CA GLU A 35 4.97 1.44 16.68
C GLU A 35 3.61 2.11 16.44
N ILE A 36 3.42 2.62 15.23
CA ILE A 36 2.09 2.97 14.74
C ILE A 36 1.75 2.03 13.58
N ILE A 37 0.61 1.37 13.70
CA ILE A 37 0.14 0.41 12.71
C ILE A 37 -0.79 1.13 11.75
N GLY A 38 -0.61 0.89 10.45
CA GLY A 38 -1.48 1.46 9.44
C GLY A 38 -1.38 2.97 9.38
N ALA A 39 -0.16 3.47 9.58
CA ALA A 39 0.10 4.91 9.55
C ALA A 39 -0.13 5.44 8.14
N SER A 40 -0.79 6.60 8.07
CA SER A 40 -0.95 7.31 6.81
C SER A 40 -0.80 8.79 7.10
N PHE A 41 0.19 9.40 6.46
CA PHE A 41 0.44 10.82 6.65
C PHE A 41 1.04 11.46 5.40
N VAL A 42 0.87 12.77 5.25
CA VAL A 42 1.60 13.49 4.22
C VAL A 42 3.00 13.75 4.72
N ALA A 43 3.98 13.37 3.92
CA ALA A 43 5.39 13.56 4.27
C ALA A 43 5.75 15.00 3.96
N ASP A 44 5.40 15.90 4.89
CA ASP A 44 5.57 17.34 4.68
C ASP A 44 6.87 17.86 5.32
N GLU A 45 7.66 16.94 5.87
CA GLU A 45 9.01 17.23 6.33
C GLU A 45 9.93 16.07 5.92
N PRO A 46 11.24 16.34 5.74
CA PRO A 46 12.12 15.30 5.20
C PRO A 46 12.66 14.33 6.25
N PHE A 47 12.28 14.52 7.50
CA PHE A 47 12.66 13.62 8.58
C PHE A 47 11.62 13.68 9.68
N ILE A 48 11.63 12.70 10.57
CA ILE A 48 10.74 12.69 11.71
C ILE A 48 11.52 13.00 12.99
N PHE A 49 12.47 12.15 13.37
CA PHE A 49 13.44 12.48 14.40
C PHE A 49 14.85 12.26 13.85
N GLY A 50 15.84 12.90 14.47
CA GLY A 50 17.22 12.70 14.07
C GLY A 50 17.69 13.76 13.09
N ALA A 51 18.98 13.71 12.78
CA ALA A 51 19.60 14.69 11.88
C ALA A 51 19.59 14.22 10.43
N LEU A 52 19.66 15.18 9.50
CA LEU A 52 19.80 14.88 8.08
C LEU A 52 21.26 14.71 7.70
N ASN A 53 21.58 13.56 7.09
CA ASN A 53 22.93 13.27 6.63
C ASN A 53 22.96 13.23 5.10
N ASP A 54 23.15 14.40 4.48
CA ASP A 54 23.13 14.52 3.03
C ASP A 54 24.23 13.69 2.38
N GLU A 55 25.35 13.56 3.08
CA GLU A 55 26.49 12.78 2.60
C GLU A 55 26.09 11.31 2.39
N TYR A 56 25.43 10.72 3.40
CA TYR A 56 24.99 9.33 3.30
C TYR A 56 23.93 9.08 2.23
N ILE A 57 22.92 9.94 2.19
CA ILE A 57 21.85 9.79 1.22
C ILE A 57 22.38 9.85 -0.21
N GLN A 58 23.40 10.65 -0.46
CA GLN A 58 23.98 10.74 -1.80
C GLN A 58 24.72 9.46 -2.19
N ARG A 59 25.36 8.83 -1.21
CA ARG A 59 26.02 7.55 -1.46
C ARG A 59 25.01 6.47 -1.76
N GLU A 60 23.89 6.47 -1.02
CA GLU A 60 22.84 5.51 -1.29
C GLU A 60 22.16 5.76 -2.63
N LEU A 61 22.00 7.03 -2.98
CA LEU A 61 21.48 7.38 -4.31
C LEU A 61 22.39 6.85 -5.42
N GLU A 62 23.69 7.07 -5.28
CA GLU A 62 24.64 6.58 -6.29
C GLU A 62 24.57 5.07 -6.44
N TRP A 63 24.45 4.37 -5.31
CA TRP A 63 24.28 2.93 -5.34
C TRP A 63 22.98 2.52 -6.05
N TYR A 64 21.89 3.23 -5.78
CA TYR A 64 20.64 2.93 -6.46
C TYR A 64 20.77 3.14 -7.97
N LYS A 65 21.48 4.21 -8.35
CA LYS A 65 21.69 4.48 -9.77
C LYS A 65 22.49 3.38 -10.47
N SER A 66 23.36 2.70 -9.72
CA SER A 66 24.16 1.63 -10.27
C SER A 66 23.35 0.35 -10.47
N LYS A 67 22.25 0.23 -9.71
CA LYS A 67 21.35 -0.91 -9.75
C LYS A 67 22.00 -2.21 -9.25
N SER A 68 23.11 -2.09 -8.56
CA SER A 68 23.84 -3.26 -8.11
C SER A 68 23.12 -3.89 -6.91
N LEU A 69 22.99 -5.22 -6.93
CA LEU A 69 22.44 -5.94 -5.80
C LEU A 69 23.50 -6.33 -4.77
N PHE A 70 24.70 -5.77 -4.89
CA PHE A 70 25.79 -6.09 -3.97
C PHE A 70 26.16 -4.89 -3.12
N VAL A 71 26.23 -5.10 -1.80
CA VAL A 71 26.37 -3.98 -0.88
C VAL A 71 27.75 -3.35 -0.93
N LYS A 72 28.76 -4.08 -1.40
CA LYS A 72 30.11 -3.52 -1.51
C LYS A 72 30.15 -2.38 -2.54
N ASP A 73 29.21 -2.41 -3.47
CA ASP A 73 29.12 -1.37 -4.49
C ASP A 73 28.57 -0.03 -4.00
N ILE A 74 28.16 0.05 -2.73
CA ILE A 74 27.84 1.34 -2.13
C ILE A 74 29.13 2.13 -2.06
N PRO A 75 29.13 3.38 -2.56
CA PRO A 75 30.39 4.16 -2.55
C PRO A 75 31.00 4.25 -1.16
N GLY A 76 32.32 4.06 -1.10
CA GLY A 76 33.02 4.20 0.17
C GLY A 76 32.85 2.98 1.06
N GLU A 77 33.01 3.16 2.36
CA GLU A 77 32.83 2.05 3.30
C GLU A 77 31.35 1.71 3.44
N THR A 78 31.00 0.46 3.18
CA THR A 78 29.61 0.01 3.28
C THR A 78 29.15 0.05 4.74
N PRO A 79 28.03 0.74 5.01
CA PRO A 79 27.49 0.81 6.38
C PRO A 79 27.21 -0.58 6.93
N LYS A 80 27.43 -0.76 8.23
CA LYS A 80 27.28 -2.09 8.84
C LYS A 80 25.84 -2.58 8.81
N ILE A 81 24.88 -1.65 8.74
CA ILE A 81 23.47 -2.00 8.63
C ILE A 81 23.20 -2.75 7.33
N TRP A 82 23.92 -2.39 6.27
CA TRP A 82 23.81 -3.11 5.00
C TRP A 82 24.62 -4.38 5.02
N GLN A 83 25.72 -4.36 5.77
CA GLN A 83 26.57 -5.54 5.90
C GLN A 83 25.85 -6.71 6.58
N GLN A 84 25.16 -6.42 7.68
CA GLN A 84 24.54 -7.48 8.50
C GLN A 84 23.33 -8.12 7.81
N VAL A 85 22.76 -7.39 6.86
CA VAL A 85 21.57 -7.83 6.15
C VAL A 85 21.91 -8.62 4.86
N ALA A 86 23.17 -8.55 4.44
CA ALA A 86 23.57 -9.10 3.15
C ALA A 86 23.77 -10.61 3.20
N SER A 87 23.76 -11.25 2.04
CA SER A 87 23.95 -12.68 1.95
C SER A 87 25.42 -13.05 2.16
N SER A 88 25.72 -14.34 2.07
CA SER A 88 27.06 -14.84 2.27
C SER A 88 28.02 -14.31 1.18
N LYS A 89 27.45 -13.89 0.05
CA LYS A 89 28.23 -13.31 -1.04
C LYS A 89 28.10 -11.79 -1.14
N GLY A 90 27.49 -11.15 -0.13
CA GLY A 90 27.32 -9.72 -0.11
C GLY A 90 26.14 -9.17 -0.91
N GLU A 91 25.17 -10.05 -1.22
CA GLU A 91 24.02 -9.68 -2.04
C GLU A 91 22.81 -9.30 -1.19
N ILE A 92 21.97 -8.39 -1.71
CA ILE A 92 20.71 -8.01 -1.07
C ILE A 92 19.57 -8.01 -2.10
N ASN A 93 18.37 -7.65 -1.64
CA ASN A 93 17.23 -7.45 -2.53
C ASN A 93 16.91 -5.97 -2.77
N SER A 94 17.04 -5.17 -1.71
CA SER A 94 16.41 -3.86 -1.65
C SER A 94 17.28 -2.73 -2.22
N ASN A 95 17.78 -2.93 -3.43
CA ASN A 95 18.29 -1.80 -4.17
C ASN A 95 17.12 -1.23 -4.96
N TYR A 96 16.67 -0.05 -4.55
CA TYR A 96 15.49 0.56 -5.16
C TYR A 96 15.73 1.06 -6.57
N GLY A 97 16.98 1.36 -6.90
CA GLY A 97 17.31 1.68 -8.28
C GLY A 97 17.09 0.48 -9.19
N TRP A 98 17.54 -0.69 -8.72
CA TRP A 98 17.28 -1.95 -9.42
C TRP A 98 15.76 -2.15 -9.53
N ALA A 99 15.02 -1.86 -8.46
CA ALA A 99 13.58 -2.08 -8.46
C ALA A 99 12.86 -1.28 -9.55
N ILE A 100 13.26 -0.03 -9.75
CA ILE A 100 12.53 0.81 -10.71
C ILE A 100 13.18 0.98 -12.09
N TRP A 101 14.47 0.68 -12.20
CA TRP A 101 15.19 0.90 -13.46
C TRP A 101 15.68 -0.37 -14.16
N SER A 102 15.75 -1.48 -13.45
CA SER A 102 16.22 -2.71 -14.07
C SER A 102 15.18 -3.32 -15.00
N GLU A 103 15.64 -3.87 -16.12
CA GLU A 103 14.77 -4.66 -16.98
C GLU A 103 14.37 -5.97 -16.27
N ASP A 104 15.19 -6.40 -15.32
CA ASP A 104 14.90 -7.61 -14.55
C ASP A 104 13.65 -7.48 -13.68
N ASN A 105 13.33 -6.24 -13.26
CA ASN A 105 12.10 -6.00 -12.52
C ASN A 105 11.03 -5.34 -13.37
N TYR A 106 11.11 -5.52 -14.69
CA TYR A 106 10.07 -5.14 -15.64
C TYR A 106 9.88 -3.64 -15.82
N ALA A 107 10.98 -2.90 -15.72
CA ALA A 107 11.06 -1.53 -16.20
C ALA A 107 9.99 -0.65 -15.56
N GLN A 108 9.95 -0.62 -14.22
CA GLN A 108 8.85 0.02 -13.51
C GLN A 108 8.76 1.50 -13.81
N TYR A 109 9.89 2.19 -13.77
CA TYR A 109 9.92 3.63 -14.03
C TYR A 109 9.45 3.94 -15.44
N ASP A 110 10.06 3.28 -16.42
CA ASP A 110 9.75 3.57 -17.83
C ASP A 110 8.30 3.30 -18.16
N MET A 111 7.73 2.23 -17.59
CA MET A 111 6.34 1.87 -17.88
C MET A 111 5.33 2.81 -17.24
N CYS A 112 5.63 3.24 -16.02
CA CYS A 112 4.81 4.23 -15.33
C CYS A 112 4.84 5.58 -16.05
N LEU A 113 6.03 5.96 -16.54
CA LEU A 113 6.19 7.15 -17.38
C LEU A 113 5.39 7.07 -18.68
N ALA A 114 5.45 5.92 -19.35
CA ALA A 114 4.68 5.70 -20.57
C ALA A 114 3.17 5.74 -20.32
N GLU A 115 2.73 5.16 -19.20
CA GLU A 115 1.33 5.18 -18.83
C GLU A 115 0.82 6.61 -18.60
N LEU A 116 1.55 7.36 -17.78
CA LEU A 116 1.15 8.73 -17.46
C LEU A 116 1.32 9.69 -18.64
N GLY A 117 2.26 9.40 -19.52
CA GLY A 117 2.43 10.23 -20.72
C GLY A 117 1.27 10.08 -21.69
N GLN A 118 0.66 8.91 -21.68
CA GLN A 118 -0.45 8.58 -22.57
C GLN A 118 -1.82 8.95 -21.98
N ASN A 119 -2.00 8.69 -20.69
CA ASN A 119 -3.24 9.07 -20.00
C ASN A 119 -2.90 9.67 -18.66
N PRO A 120 -2.87 11.01 -18.59
CA PRO A 120 -2.45 11.73 -17.40
C PRO A 120 -3.37 11.48 -16.21
N ASP A 121 -4.61 11.06 -16.50
CA ASP A 121 -5.60 10.79 -15.47
C ASP A 121 -5.56 9.37 -14.95
N SER A 122 -4.66 8.56 -15.51
CA SER A 122 -4.62 7.13 -15.23
C SER A 122 -4.51 6.81 -13.74
N ARG A 123 -5.18 5.73 -13.35
CA ARG A 123 -5.02 5.16 -12.01
C ARG A 123 -3.99 4.01 -12.02
N ARG A 124 -3.41 3.73 -13.19
CA ARG A 124 -2.50 2.60 -13.37
C ARG A 124 -1.04 3.03 -13.44
N GLY A 125 -0.74 4.26 -13.01
CA GLY A 125 0.65 4.70 -12.97
C GLY A 125 1.29 4.29 -11.66
N ILE A 126 2.02 3.19 -11.67
CA ILE A 126 2.50 2.61 -10.43
C ILE A 126 3.85 1.95 -10.63
N MET A 127 4.71 2.04 -9.64
CA MET A 127 5.99 1.36 -9.64
C MET A 127 5.97 0.28 -8.57
N ILE A 128 6.04 -0.96 -9.03
CA ILE A 128 5.91 -2.12 -8.16
C ILE A 128 7.29 -2.61 -7.73
N TYR A 129 7.62 -2.39 -6.46
CA TYR A 129 8.94 -2.74 -5.93
C TYR A 129 9.01 -4.22 -5.54
N THR A 130 8.05 -4.65 -4.73
CA THR A 130 8.09 -6.01 -4.18
C THR A 130 7.54 -6.99 -5.22
N ARG A 131 7.60 -8.28 -4.91
CA ARG A 131 7.18 -9.30 -5.85
C ARG A 131 6.71 -10.51 -5.04
N PRO A 132 5.81 -11.32 -5.63
CA PRO A 132 5.25 -12.49 -4.90
C PRO A 132 6.32 -13.45 -4.40
N SER A 133 7.39 -13.63 -5.18
CA SER A 133 8.47 -14.54 -4.79
C SER A 133 9.29 -14.03 -3.61
N MET A 134 9.01 -12.82 -3.15
CA MET A 134 9.68 -12.31 -1.97
C MET A 134 9.45 -13.21 -0.75
N GLN A 135 8.38 -14.01 -0.78
CA GLN A 135 8.12 -14.97 0.30
C GLN A 135 9.28 -15.96 0.44
N PHE A 136 10.01 -16.18 -0.65
CA PHE A 136 11.13 -17.11 -0.65
C PHE A 136 12.48 -16.43 -0.82
N ASP A 137 12.49 -15.28 -1.53
CA ASP A 137 13.74 -14.58 -1.84
C ASP A 137 14.35 -13.81 -0.69
N TYR A 138 13.56 -13.50 0.33
CA TYR A 138 14.01 -12.60 1.38
C TYR A 138 15.24 -13.07 2.14
N ASN A 139 15.46 -14.39 2.14
CA ASN A 139 16.63 -14.95 2.83
C ASN A 139 17.50 -15.82 1.93
N LYS A 140 17.47 -15.55 0.62
CA LYS A 140 18.36 -16.19 -0.35
C LYS A 140 19.81 -16.08 0.08
N ASP A 141 20.51 -17.22 0.07
CA ASP A 141 21.92 -17.29 0.48
C ASP A 141 22.18 -16.68 1.84
N GLY A 142 21.14 -16.66 2.69
CA GLY A 142 21.34 -16.21 4.06
C GLY A 142 21.24 -14.70 4.26
N MET A 143 20.79 -13.97 3.25
CA MET A 143 20.48 -12.55 3.49
C MET A 143 19.23 -12.45 4.37
N SER A 144 19.01 -11.27 4.93
CA SER A 144 17.79 -10.98 5.67
C SER A 144 17.21 -9.67 5.16
N ASP A 145 16.51 -9.75 4.03
CA ASP A 145 16.10 -8.53 3.34
C ASP A 145 14.78 -8.74 2.61
N PHE A 146 13.69 -8.59 3.37
CA PHE A 146 12.35 -8.67 2.82
C PHE A 146 11.97 -7.24 2.41
N MET A 147 11.77 -7.04 1.12
CA MET A 147 11.50 -5.70 0.55
C MET A 147 10.52 -4.93 1.45
N CYS A 148 10.91 -3.76 1.98
CA CYS A 148 9.98 -3.00 2.80
C CYS A 148 9.10 -2.01 2.07
N THR A 149 9.49 -1.61 0.86
CA THR A 149 8.61 -0.82 0.02
C THR A 149 7.83 -1.72 -0.92
N ASN A 150 6.50 -1.61 -0.89
CA ASN A 150 5.65 -2.46 -1.71
C ASN A 150 5.43 -1.86 -3.08
N THR A 151 4.78 -0.71 -3.13
CA THR A 151 4.43 -0.04 -4.39
C THR A 151 4.49 1.48 -4.16
N VAL A 152 4.70 2.22 -5.26
CA VAL A 152 4.51 3.66 -5.23
C VAL A 152 3.68 4.05 -6.44
N GLN A 153 2.52 4.65 -6.17
CA GLN A 153 1.59 5.03 -7.22
C GLN A 153 1.68 6.55 -7.45
N TYR A 154 1.54 6.96 -8.70
CA TYR A 154 1.64 8.38 -9.06
C TYR A 154 0.36 8.82 -9.72
N LEU A 155 -0.23 9.88 -9.17
CA LEU A 155 -1.51 10.37 -9.66
C LEU A 155 -1.40 11.86 -9.98
N ILE A 156 -1.66 12.19 -11.23
CA ILE A 156 -1.58 13.57 -11.71
C ILE A 156 -2.95 14.22 -11.62
N ARG A 157 -3.11 15.17 -10.70
CA ARG A 157 -4.37 15.87 -10.52
C ARG A 157 -4.07 17.36 -10.39
N ASP A 158 -4.77 18.17 -11.17
CA ASP A 158 -4.58 19.63 -11.17
C ASP A 158 -3.14 19.99 -11.49
N LYS A 159 -2.55 19.25 -12.43
CA LYS A 159 -1.19 19.48 -12.87
C LYS A 159 -0.14 19.29 -11.79
N LYS A 160 -0.52 18.67 -10.67
CA LYS A 160 0.44 18.22 -9.67
C LYS A 160 0.52 16.70 -9.64
N ILE A 161 1.73 16.17 -9.52
CA ILE A 161 1.93 14.73 -9.45
C ILE A 161 2.10 14.31 -8.00
N ASN A 162 1.13 13.56 -7.50
CA ASN A 162 1.13 13.07 -6.12
C ASN A 162 1.63 11.62 -6.09
N ALA A 163 2.45 11.30 -5.09
CA ALA A 163 2.98 9.95 -4.92
C ALA A 163 2.33 9.32 -3.68
N VAL A 164 1.78 8.13 -3.86
CA VAL A 164 1.22 7.36 -2.74
C VAL A 164 2.16 6.19 -2.47
N VAL A 165 2.95 6.33 -1.41
CA VAL A 165 3.99 5.37 -1.05
C VAL A 165 3.42 4.35 -0.09
N ASN A 166 3.46 3.08 -0.50
CA ASN A 166 2.95 1.98 0.31
C ASN A 166 4.11 1.14 0.81
N MET A 167 4.36 1.23 2.10
CA MET A 167 5.46 0.51 2.73
C MET A 167 4.93 -0.50 3.76
N ARG A 168 5.59 -1.64 3.81
CA ARG A 168 5.26 -2.71 4.74
C ARG A 168 5.80 -2.34 6.13
N SER A 169 6.96 -1.72 6.14
CA SER A 169 7.75 -1.57 7.35
C SER A 169 8.69 -0.38 7.11
N ASN A 170 8.82 0.48 8.11
CA ASN A 170 9.67 1.65 7.98
C ASN A 170 10.18 2.09 9.34
N ASP A 171 11.49 2.12 9.47
CA ASP A 171 12.14 2.68 10.64
C ASP A 171 12.04 4.21 10.59
N VAL A 172 11.51 4.79 11.65
CA VAL A 172 11.24 6.23 11.75
C VAL A 172 12.50 7.11 11.62
N VAL A 173 13.63 6.64 12.14
CA VAL A 173 14.81 7.48 12.26
C VAL A 173 15.73 7.39 11.04
N PHE A 174 16.30 6.21 10.77
CA PHE A 174 17.14 6.05 9.58
C PHE A 174 16.33 5.81 8.32
N GLY A 175 15.37 4.88 8.41
CA GLY A 175 14.62 4.47 7.24
C GLY A 175 13.85 5.60 6.58
N PHE A 176 13.05 6.33 7.35
CA PHE A 176 12.18 7.33 6.74
C PHE A 176 12.99 8.45 6.09
N ARG A 177 14.04 8.91 6.76
CA ARG A 177 14.90 9.95 6.21
C ARG A 177 15.47 9.55 4.85
N ASN A 178 16.05 8.35 4.79
CA ASN A 178 16.65 7.86 3.54
C ASN A 178 15.58 7.61 2.49
N ASP A 179 14.49 6.94 2.88
CA ASP A 179 13.49 6.56 1.90
C ASP A 179 12.73 7.76 1.37
N TYR A 180 12.51 8.75 2.21
CA TYR A 180 11.85 9.97 1.76
C TYR A 180 12.73 10.66 0.70
N ALA A 181 14.02 10.80 0.98
CA ALA A 181 14.94 11.44 0.05
C ALA A 181 14.90 10.73 -1.30
N TRP A 182 14.84 9.41 -1.28
CA TRP A 182 14.72 8.62 -2.49
C TRP A 182 13.40 8.89 -3.21
N GLN A 183 12.28 8.81 -2.49
CA GLN A 183 10.99 9.01 -3.13
C GLN A 183 10.82 10.43 -3.69
N LYS A 184 11.36 11.42 -2.99
CA LYS A 184 11.35 12.81 -3.46
C LYS A 184 12.18 12.95 -4.75
N TYR A 185 13.34 12.30 -4.78
CA TYR A 185 14.18 12.26 -5.97
C TYR A 185 13.44 11.68 -7.18
N VAL A 186 12.79 10.53 -6.99
CA VAL A 186 12.10 9.87 -8.09
C VAL A 186 10.92 10.72 -8.59
N LEU A 187 10.18 11.32 -7.64
CA LEU A 187 9.06 12.16 -8.00
C LEU A 187 9.53 13.36 -8.85
N ASP A 188 10.59 14.03 -8.41
CA ASP A 188 11.14 15.16 -9.17
C ASP A 188 11.63 14.74 -10.54
N LYS A 189 12.27 13.57 -10.61
CA LYS A 189 12.68 12.98 -11.88
C LYS A 189 11.49 12.76 -12.81
N LEU A 190 10.43 12.15 -12.29
CA LEU A 190 9.25 11.84 -13.08
C LEU A 190 8.58 13.11 -13.60
N VAL A 191 8.47 14.13 -12.75
CA VAL A 191 7.95 15.44 -13.15
C VAL A 191 8.77 16.03 -14.30
N SER A 192 10.09 15.96 -14.16
CA SER A 192 11.03 16.47 -15.18
C SER A 192 10.85 15.76 -16.51
N ASP A 193 10.80 14.44 -16.45
CA ASP A 193 10.71 13.62 -17.65
C ASP A 193 9.40 13.84 -18.38
N LEU A 194 8.31 14.00 -17.63
CA LEU A 194 7.02 14.27 -18.25
C LEU A 194 6.98 15.67 -18.86
N ASN A 195 7.56 16.64 -18.16
CA ASN A 195 7.62 18.00 -18.67
C ASN A 195 8.50 18.12 -19.91
N ALA A 196 9.58 17.34 -19.94
CA ALA A 196 10.49 17.32 -21.07
C ALA A 196 9.80 16.72 -22.29
N GLY A 197 8.78 15.90 -22.07
CA GLY A 197 8.08 15.25 -23.17
C GLY A 197 7.14 16.17 -23.90
N ASP A 198 6.61 17.16 -23.18
CA ASP A 198 5.64 18.10 -23.72
C ASP A 198 5.68 19.37 -22.88
N SER A 199 6.07 20.48 -23.51
CA SER A 199 6.30 21.73 -22.80
C SER A 199 5.01 22.35 -22.26
N THR A 200 3.86 21.92 -22.79
CA THR A 200 2.57 22.44 -22.35
C THR A 200 2.00 21.74 -21.11
N ARG A 201 2.67 20.68 -20.64
CA ARG A 201 2.18 19.93 -19.48
C ARG A 201 2.30 20.76 -18.20
N GLN A 202 3.48 21.34 -18.00
CA GLN A 202 3.74 22.21 -16.86
C GLN A 202 3.38 21.57 -15.52
N TYR A 203 3.69 20.29 -15.38
CA TYR A 203 3.43 19.59 -14.13
C TYR A 203 4.38 20.06 -13.05
N LYS A 204 3.95 19.87 -11.81
CA LYS A 204 4.72 20.25 -10.65
C LYS A 204 4.63 19.08 -9.68
N ALA A 205 5.65 18.92 -8.84
CA ALA A 205 5.62 17.92 -7.78
C ALA A 205 4.49 18.24 -6.80
N GLY A 206 3.68 17.23 -6.49
CA GLY A 206 2.63 17.41 -5.51
C GLY A 206 3.02 16.85 -4.16
N SER A 207 2.09 16.16 -3.51
CA SER A 207 2.28 15.65 -2.16
C SER A 207 2.80 14.22 -2.21
N ILE A 208 3.62 13.87 -1.24
CA ILE A 208 4.02 12.50 -1.03
C ILE A 208 3.26 11.96 0.19
N ILE A 209 2.34 11.03 -0.07
CA ILE A 209 1.54 10.41 1.00
C ILE A 209 2.18 9.09 1.40
N TRP A 210 2.44 8.95 2.70
CA TRP A 210 3.22 7.85 3.24
C TRP A 210 2.28 6.87 3.94
N ASN A 211 2.17 5.65 3.44
CA ASN A 211 1.32 4.63 4.06
C ASN A 211 2.22 3.50 4.56
N VAL A 212 2.21 3.23 5.86
CA VAL A 212 3.11 2.22 6.41
C VAL A 212 2.37 1.21 7.28
N GLY A 213 2.62 -0.08 7.03
CA GLY A 213 2.03 -1.12 7.84
C GLY A 213 2.50 -1.02 9.28
N SER A 214 3.81 -1.03 9.45
CA SER A 214 4.41 -0.82 10.75
C SER A 214 5.46 0.30 10.69
N LEU A 215 5.15 1.43 11.31
CA LEU A 215 6.07 2.55 11.41
C LEU A 215 6.60 2.55 12.82
N HIS A 216 7.89 2.30 12.97
CA HIS A 216 8.42 2.00 14.29
C HIS A 216 9.72 2.73 14.62
N VAL A 217 9.95 2.92 15.91
CA VAL A 217 11.21 3.40 16.45
C VAL A 217 11.83 2.27 17.28
N TYR A 218 13.10 1.97 17.01
CA TYR A 218 13.85 0.98 17.82
C TYR A 218 14.26 1.58 19.15
N SER A 219 14.44 0.72 20.16
CA SER A 219 14.74 1.19 21.50
C SER A 219 16.01 2.05 21.58
N ARG A 220 16.96 1.80 20.69
CA ARG A 220 18.22 2.55 20.66
C ARG A 220 18.02 4.01 20.28
N HIS A 221 16.82 4.32 19.77
CA HIS A 221 16.47 5.70 19.40
C HIS A 221 15.39 6.31 20.28
N PHE A 222 15.00 5.62 21.36
CA PHE A 222 13.95 6.14 22.24
C PHE A 222 14.33 7.48 22.84
N TYR A 223 15.63 7.71 23.03
CA TYR A 223 16.09 8.97 23.62
C TYR A 223 15.74 10.16 22.76
N LEU A 224 15.67 9.95 21.44
CA LEU A 224 15.24 11.01 20.52
C LEU A 224 13.78 11.37 20.71
N VAL A 225 12.93 10.36 20.83
CA VAL A 225 11.50 10.57 21.02
C VAL A 225 11.24 11.25 22.37
N ASP A 226 11.91 10.74 23.39
CA ASP A 226 11.77 11.24 24.74
C ASP A 226 12.22 12.69 24.85
N HIS A 227 13.32 13.02 24.19
CA HIS A 227 13.83 14.37 24.23
C HIS A 227 12.89 15.32 23.53
N TRP A 228 12.40 14.93 22.36
CA TRP A 228 11.45 15.75 21.62
C TRP A 228 10.19 15.96 22.45
N TRP A 229 9.75 14.90 23.13
CA TRP A 229 8.57 14.96 24.00
C TRP A 229 8.72 16.03 25.07
N LYS A 230 9.92 16.14 25.63
CA LYS A 230 10.18 17.08 26.72
C LYS A 230 10.43 18.51 26.21
N THR A 231 11.04 18.64 25.03
CA THR A 231 11.62 19.91 24.61
C THR A 231 11.13 20.41 23.26
N GLY A 232 10.67 19.50 22.41
CA GLY A 232 10.23 19.90 21.08
C GLY A 232 11.35 19.93 20.06
N GLU A 233 12.57 19.63 20.50
CA GLU A 233 13.72 19.48 19.60
C GLU A 233 13.73 18.10 18.96
N THR A 234 13.89 18.06 17.64
CA THR A 234 13.78 16.80 16.90
C THR A 234 15.10 16.03 16.84
N HIS A 235 16.15 16.58 17.46
CA HIS A 235 17.46 15.95 17.49
C HIS A 235 18.28 16.34 18.74
N ILE A 236 18.93 15.36 19.37
CA ILE A 236 20.03 15.60 20.31
C ILE A 236 21.20 14.72 19.92
N SER A 237 22.39 15.09 20.39
CA SER A 237 23.52 14.18 20.47
C SER A 237 23.24 13.15 21.57
N LYS A 238 23.64 11.90 21.33
CA LYS A 238 23.50 10.84 22.32
C LYS A 238 24.25 11.21 23.59
N LYS A 239 25.35 11.96 23.43
CA LYS A 239 26.16 12.42 24.54
C LYS A 239 25.50 13.55 25.31
N ASP A 240 24.80 14.42 24.60
CA ASP A 240 24.12 15.57 25.20
C ASP A 240 22.84 15.17 25.93
N TYR A 241 22.24 14.06 25.50
CA TYR A 241 20.93 13.65 25.98
C TYR A 241 20.89 13.48 27.50
N MET B 1 0.57 1.12 18.65
CA MET B 1 -0.84 1.57 18.56
C MET B 1 -1.33 1.63 17.10
N ILE B 2 -2.60 1.31 16.89
CA ILE B 2 -3.22 1.49 15.58
C ILE B 2 -3.47 2.99 15.35
N SER B 3 -3.26 3.45 14.13
CA SER B 3 -3.45 4.86 13.79
C SER B 3 -4.92 5.27 13.90
N ASP B 4 -5.13 6.51 14.32
CA ASP B 4 -6.46 7.11 14.43
C ASP B 4 -6.96 7.46 13.03
N SER B 5 -7.79 6.58 12.46
CA SER B 5 -8.17 6.72 11.06
C SER B 5 -9.58 7.28 10.87
N MET B 6 -9.86 7.72 9.65
CA MET B 6 -11.23 8.02 9.25
C MET B 6 -12.07 6.77 9.34
N THR B 7 -13.37 6.95 9.40
CA THR B 7 -14.32 5.84 9.32
C THR B 7 -15.05 5.90 7.97
N VAL B 8 -15.85 4.90 7.68
CA VAL B 8 -16.66 4.92 6.46
C VAL B 8 -17.62 6.12 6.41
N GLU B 9 -18.15 6.52 7.57
CA GLU B 9 -19.05 7.69 7.61
C GLU B 9 -18.35 8.96 7.13
N GLU B 10 -17.10 9.16 7.54
CA GLU B 10 -16.34 10.32 7.09
C GLU B 10 -15.97 10.26 5.61
N ILE B 11 -15.69 9.06 5.11
CA ILE B 11 -15.48 8.87 3.67
C ILE B 11 -16.72 9.31 2.89
N ARG B 12 -17.91 8.93 3.37
CA ARG B 12 -19.16 9.32 2.72
C ARG B 12 -19.24 10.84 2.62
N LEU B 13 -18.94 11.51 3.73
CA LEU B 13 -18.98 12.96 3.79
C LEU B 13 -18.04 13.59 2.75
N HIS B 14 -16.80 13.11 2.69
CA HIS B 14 -15.83 13.65 1.73
C HIS B 14 -16.22 13.40 0.28
N LEU B 15 -16.86 12.27 0.01
CA LEU B 15 -17.34 12.00 -1.34
C LEU B 15 -18.50 12.92 -1.68
N GLY B 16 -19.36 13.18 -0.69
CA GLY B 16 -20.48 14.09 -0.91
C GLY B 16 -19.99 15.50 -1.16
N LEU B 17 -18.94 15.90 -0.45
CA LEU B 17 -18.30 17.19 -0.64
C LEU B 17 -17.73 17.29 -2.06
N ALA B 18 -17.06 16.24 -2.51
CA ALA B 18 -16.45 16.24 -3.83
C ALA B 18 -17.50 16.42 -4.92
N LEU B 19 -18.66 15.79 -4.75
CA LEU B 19 -19.74 15.91 -5.74
C LEU B 19 -20.34 17.31 -5.70
N LYS B 20 -20.58 17.81 -4.50
CA LYS B 20 -21.13 19.16 -4.30
C LYS B 20 -20.25 20.20 -4.99
N GLU B 21 -18.95 19.96 -5.00
CA GLU B 21 -18.00 20.92 -5.55
C GLU B 21 -17.58 20.61 -6.99
N LYS B 22 -18.20 19.60 -7.59
CA LYS B 22 -17.95 19.26 -8.98
C LYS B 22 -16.47 18.98 -9.28
N ASP B 23 -15.83 18.30 -8.34
CA ASP B 23 -14.44 17.88 -8.45
C ASP B 23 -14.39 16.60 -9.28
N PHE B 24 -14.58 16.72 -10.59
CA PHE B 24 -14.66 15.56 -11.47
C PHE B 24 -13.31 15.21 -12.09
N VAL B 25 -13.11 13.91 -12.31
CA VAL B 25 -11.92 13.40 -13.00
C VAL B 25 -12.40 12.46 -14.10
N VAL B 26 -11.84 12.60 -15.30
CA VAL B 26 -12.27 11.78 -16.43
C VAL B 26 -11.67 10.37 -16.38
N ASP B 27 -12.56 9.37 -16.42
CA ASP B 27 -12.17 7.98 -16.41
C ASP B 27 -11.60 7.60 -17.77
N LYS B 28 -10.87 6.49 -17.82
CA LYS B 28 -10.32 5.95 -19.07
C LYS B 28 -11.41 5.55 -20.08
N THR B 29 -12.64 5.34 -19.61
CA THR B 29 -13.77 5.05 -20.51
C THR B 29 -14.48 6.33 -20.97
N GLY B 30 -13.95 7.48 -20.56
CA GLY B 30 -14.50 8.76 -20.97
C GLY B 30 -15.56 9.33 -20.05
N VAL B 31 -15.94 8.59 -19.02
CA VAL B 31 -16.98 9.01 -18.07
C VAL B 31 -16.39 9.77 -16.87
N LYS B 32 -17.20 10.61 -16.23
CA LYS B 32 -16.76 11.36 -15.04
C LYS B 32 -16.71 10.48 -13.78
N THR B 33 -15.76 10.80 -12.89
CA THR B 33 -15.73 10.22 -11.55
C THR B 33 -15.49 11.33 -10.54
N ILE B 34 -15.93 11.12 -9.30
CA ILE B 34 -15.40 11.87 -8.16
C ILE B 34 -14.47 10.92 -7.40
N GLU B 35 -13.55 11.46 -6.64
CA GLU B 35 -12.39 10.69 -6.26
C GLU B 35 -11.74 11.23 -4.99
N ILE B 36 -11.33 10.33 -4.11
CA ILE B 36 -10.42 10.68 -3.04
C ILE B 36 -9.07 9.99 -3.30
N ILE B 37 -8.01 10.77 -3.27
CA ILE B 37 -6.66 10.29 -3.54
C ILE B 37 -5.98 10.00 -2.21
N GLY B 38 -5.31 8.85 -2.12
CA GLY B 38 -4.58 8.51 -0.90
C GLY B 38 -5.49 8.33 0.29
N ALA B 39 -6.66 7.76 0.05
CA ALA B 39 -7.64 7.50 1.10
C ALA B 39 -7.10 6.44 2.08
N SER B 40 -7.27 6.72 3.36
CA SER B 40 -6.97 5.74 4.39
C SER B 40 -8.09 5.81 5.43
N PHE B 41 -8.78 4.69 5.61
CA PHE B 41 -9.86 4.64 6.59
C PHE B 41 -10.00 3.25 7.19
N VAL B 42 -10.52 3.16 8.40
CA VAL B 42 -10.92 1.86 8.93
C VAL B 42 -12.24 1.46 8.30
N ALA B 43 -12.26 0.26 7.71
CA ALA B 43 -13.47 -0.27 7.10
C ALA B 43 -14.38 -0.83 8.20
N ASP B 44 -15.11 0.07 8.85
CA ASP B 44 -15.97 -0.28 9.99
C ASP B 44 -17.43 -0.52 9.59
N GLU B 45 -17.69 -0.50 8.28
CA GLU B 45 -18.97 -0.90 7.70
C GLU B 45 -18.68 -1.69 6.42
N PRO B 46 -19.59 -2.58 6.02
CA PRO B 46 -19.33 -3.47 4.89
C PRO B 46 -19.66 -2.88 3.52
N PHE B 47 -20.10 -1.62 3.49
CA PHE B 47 -20.40 -0.92 2.25
C PHE B 47 -20.31 0.57 2.49
N ILE B 48 -20.14 1.34 1.43
CA ILE B 48 -20.14 2.79 1.54
C ILE B 48 -21.48 3.37 1.04
N PHE B 49 -21.80 3.15 -0.23
CA PHE B 49 -23.15 3.42 -0.75
C PHE B 49 -23.64 2.17 -1.47
N GLY B 50 -24.96 2.06 -1.60
CA GLY B 50 -25.55 0.93 -2.32
C GLY B 50 -26.05 -0.17 -1.41
N ALA B 51 -26.58 -1.23 -2.02
CA ALA B 51 -27.14 -2.37 -1.28
C ALA B 51 -26.15 -3.55 -1.21
N LEU B 52 -26.23 -4.31 -0.11
CA LEU B 52 -25.47 -5.55 0.04
C LEU B 52 -26.12 -6.72 -0.70
N ASN B 53 -25.47 -7.18 -1.77
CA ASN B 53 -25.93 -8.36 -2.51
C ASN B 53 -25.13 -9.60 -2.08
N ASP B 54 -25.60 -10.25 -1.03
CA ASP B 54 -24.90 -11.42 -0.48
C ASP B 54 -24.80 -12.56 -1.49
N GLU B 55 -25.80 -12.65 -2.36
CA GLU B 55 -25.84 -13.69 -3.38
C GLU B 55 -24.68 -13.56 -4.37
N TYR B 56 -24.40 -12.34 -4.82
CA TYR B 56 -23.30 -12.10 -5.75
C TYR B 56 -21.93 -12.37 -5.11
N ILE B 57 -21.74 -11.85 -3.91
CA ILE B 57 -20.50 -12.02 -3.16
C ILE B 57 -20.16 -13.50 -2.96
N GLN B 58 -21.16 -14.33 -2.70
CA GLN B 58 -20.91 -15.76 -2.52
C GLN B 58 -20.49 -16.45 -3.82
N ARG B 59 -20.98 -15.97 -4.95
CA ARG B 59 -20.57 -16.52 -6.24
C ARG B 59 -19.14 -16.11 -6.57
N GLU B 60 -18.76 -14.89 -6.21
CA GLU B 60 -17.39 -14.45 -6.40
C GLU B 60 -16.44 -15.17 -5.43
N LEU B 61 -16.90 -15.44 -4.20
CA LEU B 61 -16.10 -16.24 -3.27
C LEU B 61 -15.83 -17.66 -3.81
N GLU B 62 -16.86 -18.31 -4.30
CA GLU B 62 -16.71 -19.64 -4.90
C GLU B 62 -15.70 -19.64 -6.04
N TRP B 63 -15.75 -18.61 -6.88
CA TRP B 63 -14.80 -18.45 -7.97
C TRP B 63 -13.37 -18.29 -7.46
N TYR B 64 -13.20 -17.46 -6.44
CA TYR B 64 -11.87 -17.28 -5.84
C TYR B 64 -11.35 -18.61 -5.28
N LYS B 65 -12.22 -19.37 -4.63
CA LYS B 65 -11.81 -20.67 -4.08
C LYS B 65 -11.37 -21.65 -5.17
N SER B 66 -11.90 -21.49 -6.37
CA SER B 66 -11.54 -22.34 -7.49
C SER B 66 -10.17 -21.97 -8.05
N LYS B 67 -9.76 -20.72 -7.79
CA LYS B 67 -8.49 -20.18 -8.29
C LYS B 67 -8.41 -20.07 -9.80
N SER B 68 -9.56 -20.20 -10.47
CA SER B 68 -9.60 -20.15 -11.93
C SER B 68 -9.37 -18.74 -12.44
N LEU B 69 -8.54 -18.61 -13.47
CA LEU B 69 -8.31 -17.32 -14.11
C LEU B 69 -9.27 -17.07 -15.28
N PHE B 70 -10.32 -17.86 -15.34
CA PHE B 70 -11.29 -17.71 -16.42
C PHE B 70 -12.66 -17.29 -15.88
N VAL B 71 -13.23 -16.26 -16.49
CA VAL B 71 -14.44 -15.64 -15.95
C VAL B 71 -15.68 -16.52 -16.11
N LYS B 72 -15.68 -17.41 -17.09
CA LYS B 72 -16.80 -18.34 -17.25
C LYS B 72 -16.96 -19.26 -16.03
N ASP B 73 -15.88 -19.46 -15.28
CA ASP B 73 -15.93 -20.29 -14.08
C ASP B 73 -16.58 -19.65 -12.87
N ILE B 74 -16.98 -18.38 -12.98
CA ILE B 74 -17.83 -17.77 -11.96
C ILE B 74 -19.17 -18.52 -11.97
N PRO B 75 -19.63 -19.01 -10.82
CA PRO B 75 -20.91 -19.75 -10.80
C PRO B 75 -22.05 -18.97 -11.44
N GLY B 76 -22.83 -19.66 -12.27
CA GLY B 76 -23.99 -19.03 -12.87
C GLY B 76 -23.62 -18.14 -14.04
N GLU B 77 -24.47 -17.17 -14.35
CA GLU B 77 -24.17 -16.26 -15.44
C GLU B 77 -23.08 -15.26 -15.03
N THR B 78 -22.01 -15.23 -15.81
CA THR B 78 -20.91 -14.32 -15.55
C THR B 78 -21.34 -12.86 -15.71
N PRO B 79 -21.14 -12.02 -14.68
CA PRO B 79 -21.49 -10.60 -14.73
C PRO B 79 -20.79 -9.94 -15.92
N LYS B 80 -21.47 -8.99 -16.57
CA LYS B 80 -20.91 -8.36 -17.76
C LYS B 80 -19.67 -7.52 -17.46
N ILE B 81 -19.56 -7.08 -16.20
CA ILE B 81 -18.38 -6.33 -15.76
C ILE B 81 -17.12 -7.17 -15.85
N TRP B 82 -17.26 -8.47 -15.60
CA TRP B 82 -16.14 -9.40 -15.72
C TRP B 82 -15.94 -9.77 -17.17
N GLN B 83 -17.04 -9.82 -17.93
CA GLN B 83 -16.96 -10.15 -19.35
C GLN B 83 -16.18 -9.10 -20.14
N GLN B 84 -16.46 -7.83 -19.87
CA GLN B 84 -15.90 -6.74 -20.67
C GLN B 84 -14.40 -6.50 -20.38
N VAL B 85 -13.93 -7.08 -19.27
CA VAL B 85 -12.54 -6.93 -18.85
C VAL B 85 -11.68 -8.15 -19.25
N ALA B 86 -12.35 -9.22 -19.70
CA ALA B 86 -11.68 -10.49 -19.96
C ALA B 86 -10.96 -10.48 -21.30
N SER B 87 -10.00 -11.38 -21.45
CA SER B 87 -9.23 -11.51 -22.69
C SER B 87 -10.09 -12.16 -23.76
N SER B 88 -9.48 -12.37 -24.93
CA SER B 88 -10.18 -12.98 -26.05
C SER B 88 -10.56 -14.44 -25.75
N LYS B 89 -9.87 -15.03 -24.78
CA LYS B 89 -10.12 -16.42 -24.37
C LYS B 89 -10.91 -16.51 -23.05
N GLY B 90 -11.35 -15.36 -22.55
CA GLY B 90 -12.12 -15.33 -21.32
C GLY B 90 -11.26 -15.30 -20.07
N GLU B 91 -9.98 -14.95 -20.23
CA GLU B 91 -9.03 -14.97 -19.12
C GLU B 91 -8.88 -13.60 -18.46
N ILE B 92 -8.61 -13.59 -17.15
CA ILE B 92 -8.31 -12.37 -16.40
C ILE B 92 -7.06 -12.55 -15.53
N ASN B 93 -6.73 -11.52 -14.75
CA ASN B 93 -5.65 -11.60 -13.77
C ASN B 93 -6.18 -11.67 -12.34
N SER B 94 -7.25 -10.94 -12.08
CA SER B 94 -7.65 -10.59 -10.71
C SER B 94 -8.57 -11.62 -10.06
N ASN B 95 -8.19 -12.89 -10.15
CA ASN B 95 -8.76 -13.86 -9.23
C ASN B 95 -7.96 -13.81 -7.94
N TYR B 96 -8.56 -13.28 -6.89
CA TYR B 96 -7.86 -13.10 -5.63
C TYR B 96 -7.60 -14.42 -4.90
N GLY B 97 -8.40 -15.44 -5.19
CA GLY B 97 -8.12 -16.76 -4.68
C GLY B 97 -6.83 -17.32 -5.30
N TRP B 98 -6.70 -17.15 -6.60
CA TRP B 98 -5.45 -17.50 -7.27
C TRP B 98 -4.29 -16.71 -6.66
N ALA B 99 -4.50 -15.42 -6.39
CA ALA B 99 -3.41 -14.61 -5.85
C ALA B 99 -2.89 -15.13 -4.51
N ILE B 100 -3.77 -15.58 -3.62
CA ILE B 100 -3.29 -15.99 -2.30
C ILE B 100 -3.13 -17.50 -2.06
N TRP B 101 -3.73 -18.32 -2.91
CA TRP B 101 -3.69 -19.76 -2.70
C TRP B 101 -2.93 -20.57 -3.76
N SER B 102 -2.69 -19.98 -4.93
CA SER B 102 -1.98 -20.71 -5.97
C SER B 102 -0.48 -20.79 -5.69
N GLU B 103 0.13 -21.93 -6.03
CA GLU B 103 1.58 -22.08 -5.97
C GLU B 103 2.25 -21.22 -7.06
N ASP B 104 1.49 -20.92 -8.11
CA ASP B 104 1.94 -20.04 -9.18
C ASP B 104 2.22 -18.62 -8.70
N ASN B 105 1.54 -18.19 -7.64
CA ASN B 105 1.83 -16.88 -7.05
C ASN B 105 2.54 -17.01 -5.74
N TYR B 106 3.26 -18.13 -5.57
CA TYR B 106 4.20 -18.36 -4.47
C TYR B 106 3.57 -18.45 -3.09
N ALA B 107 2.37 -19.04 -3.06
CA ALA B 107 1.76 -19.52 -1.82
C ALA B 107 1.66 -18.42 -0.77
N GLN B 108 0.99 -17.33 -1.14
CA GLN B 108 0.98 -16.14 -0.28
C GLN B 108 0.32 -16.41 1.06
N TYR B 109 -0.83 -17.08 1.03
CA TYR B 109 -1.56 -17.37 2.25
C TYR B 109 -0.74 -18.26 3.16
N ASP B 110 -0.27 -19.38 2.63
CA ASP B 110 0.48 -20.35 3.42
C ASP B 110 1.75 -19.75 4.02
N MET B 111 2.45 -18.91 3.25
CA MET B 111 3.70 -18.36 3.74
C MET B 111 3.49 -17.29 4.81
N CYS B 112 2.45 -16.49 4.63
CA CYS B 112 2.07 -15.50 5.64
C CYS B 112 1.61 -16.20 6.95
N LEU B 113 0.87 -17.29 6.81
CA LEU B 113 0.48 -18.13 7.96
C LEU B 113 1.70 -18.74 8.69
N ALA B 114 2.67 -19.23 7.93
CA ALA B 114 3.89 -19.79 8.50
C ALA B 114 4.71 -18.72 9.21
N GLU B 115 4.79 -17.52 8.60
CA GLU B 115 5.52 -16.42 9.21
C GLU B 115 4.92 -16.01 10.55
N LEU B 116 3.61 -15.82 10.59
CA LEU B 116 2.93 -15.37 11.81
C LEU B 116 2.83 -16.48 12.86
N GLY B 117 2.82 -17.73 12.42
CA GLY B 117 2.87 -18.85 13.35
C GLY B 117 4.21 -18.97 14.07
N GLN B 118 5.28 -18.63 13.37
CA GLN B 118 6.63 -18.68 13.93
C GLN B 118 6.96 -17.43 14.75
N ASN B 119 6.57 -16.26 14.24
CA ASN B 119 6.79 -15.01 14.94
C ASN B 119 5.55 -14.13 14.86
N PRO B 120 4.74 -14.12 15.94
CA PRO B 120 3.47 -13.41 15.99
C PRO B 120 3.65 -11.90 15.86
N ASP B 121 4.84 -11.41 16.25
CA ASP B 121 5.13 -9.98 16.21
C ASP B 121 5.67 -9.51 14.86
N SER B 122 5.78 -10.42 13.91
CA SER B 122 6.45 -10.15 12.65
C SER B 122 5.84 -8.97 11.89
N ARG B 123 6.70 -8.22 11.21
CA ARG B 123 6.25 -7.20 10.26
C ARG B 123 6.26 -7.74 8.82
N ARG B 124 6.60 -9.02 8.67
CA ARG B 124 6.75 -9.64 7.35
C ARG B 124 5.59 -10.55 6.99
N GLY B 125 4.49 -10.46 7.73
CA GLY B 125 3.31 -11.24 7.38
C GLY B 125 2.48 -10.51 6.36
N ILE B 126 2.61 -10.89 5.10
CA ILE B 126 2.04 -10.10 4.02
C ILE B 126 1.65 -11.01 2.88
N MET B 127 0.55 -10.68 2.22
CA MET B 127 0.14 -11.39 1.02
C MET B 127 0.24 -10.44 -0.15
N ILE B 128 1.12 -10.78 -1.08
CA ILE B 128 1.45 -9.93 -2.21
C ILE B 128 0.62 -10.38 -3.40
N TYR B 129 -0.33 -9.54 -3.80
CA TYR B 129 -1.26 -9.86 -4.86
C TYR B 129 -0.67 -9.50 -6.20
N THR B 130 -0.19 -8.27 -6.31
CA THR B 130 0.31 -7.78 -7.59
C THR B 130 1.76 -8.25 -7.81
N ARG B 131 2.28 -7.98 -9.00
CA ARG B 131 3.62 -8.44 -9.35
C ARG B 131 4.24 -7.43 -10.35
N PRO B 132 5.57 -7.34 -10.39
CA PRO B 132 6.25 -6.38 -11.27
C PRO B 132 5.87 -6.54 -12.73
N SER B 133 5.67 -7.79 -13.17
CA SER B 133 5.29 -8.02 -14.56
C SER B 133 3.87 -7.57 -14.91
N MET B 134 3.12 -7.10 -13.93
CA MET B 134 1.78 -6.56 -14.18
C MET B 134 1.84 -5.38 -15.18
N GLN B 135 3.02 -4.74 -15.27
CA GLN B 135 3.22 -3.66 -16.25
C GLN B 135 2.99 -4.15 -17.68
N PHE B 136 3.16 -5.45 -17.89
CA PHE B 136 2.97 -6.03 -19.22
C PHE B 136 1.77 -6.99 -19.26
N ASP B 137 1.48 -7.62 -18.11
CA ASP B 137 0.42 -8.64 -18.05
C ASP B 137 -1.01 -8.10 -18.09
N TYR B 138 -1.19 -6.83 -17.76
CA TYR B 138 -2.54 -6.27 -17.55
C TYR B 138 -3.41 -6.33 -18.78
N ASN B 139 -2.78 -6.40 -19.95
CA ASN B 139 -3.57 -6.46 -21.19
C ASN B 139 -3.22 -7.66 -22.06
N LYS B 140 -2.74 -8.73 -21.42
CA LYS B 140 -2.45 -9.99 -22.10
C LYS B 140 -3.66 -10.48 -22.87
N ASP B 141 -3.46 -10.83 -24.15
CA ASP B 141 -4.53 -11.28 -25.03
C ASP B 141 -5.73 -10.33 -25.07
N GLY B 142 -5.47 -9.06 -24.80
CA GLY B 142 -6.52 -8.06 -24.93
C GLY B 142 -7.45 -7.95 -23.73
N MET B 143 -7.09 -8.57 -22.61
CA MET B 143 -7.79 -8.26 -21.37
C MET B 143 -7.50 -6.82 -20.93
N SER B 144 -8.30 -6.31 -20.00
CA SER B 144 -8.00 -5.04 -19.39
C SER B 144 -8.13 -5.17 -17.89
N ASP B 145 -7.10 -5.71 -17.27
CA ASP B 145 -7.19 -6.10 -15.87
C ASP B 145 -5.85 -5.92 -15.18
N PHE B 146 -5.60 -4.69 -14.75
CA PHE B 146 -4.42 -4.35 -13.97
C PHE B 146 -4.78 -4.53 -12.50
N MET B 147 -4.11 -5.49 -11.84
CA MET B 147 -4.43 -5.86 -10.46
C MET B 147 -4.68 -4.60 -9.62
N CYS B 148 -5.87 -4.45 -9.02
CA CYS B 148 -6.12 -3.26 -8.19
C CYS B 148 -5.77 -3.42 -6.72
N THR B 149 -5.67 -4.65 -6.23
CA THR B 149 -5.13 -4.87 -4.88
C THR B 149 -3.62 -5.13 -4.98
N ASN B 150 -2.84 -4.36 -4.22
CA ASN B 150 -1.39 -4.51 -4.29
C ASN B 150 -0.93 -5.55 -3.29
N THR B 151 -1.15 -5.27 -2.01
CA THR B 151 -0.68 -6.12 -0.92
C THR B 151 -1.71 -6.07 0.23
N VAL B 152 -1.73 -7.11 1.06
CA VAL B 152 -2.44 -7.05 2.33
C VAL B 152 -1.51 -7.57 3.42
N GLN B 153 -1.26 -6.74 4.42
CA GLN B 153 -0.35 -7.07 5.50
C GLN B 153 -1.16 -7.38 6.76
N TYR B 154 -0.69 -8.36 7.52
CA TYR B 154 -1.39 -8.78 8.73
C TYR B 154 -0.49 -8.59 9.93
N LEU B 155 -0.98 -7.85 10.91
CA LEU B 155 -0.19 -7.53 12.08
C LEU B 155 -0.95 -7.93 13.33
N ILE B 156 -0.37 -8.85 14.10
CA ILE B 156 -0.99 -9.34 15.32
C ILE B 156 -0.53 -8.50 16.51
N ARG B 157 -1.44 -7.72 17.08
CA ARG B 157 -1.11 -6.88 18.22
C ARG B 157 -2.23 -7.02 19.24
N ASP B 158 -1.87 -7.25 20.51
CA ASP B 158 -2.83 -7.45 21.59
C ASP B 158 -3.80 -8.59 21.27
N LYS B 159 -3.26 -9.64 20.66
CA LYS B 159 -4.05 -10.82 20.29
C LYS B 159 -5.16 -10.54 19.28
N LYS B 160 -5.10 -9.37 18.64
CA LYS B 160 -5.97 -9.08 17.51
C LYS B 160 -5.17 -9.00 16.22
N ILE B 161 -5.71 -9.58 15.17
CA ILE B 161 -5.06 -9.56 13.86
C ILE B 161 -5.67 -8.46 13.02
N ASN B 162 -4.86 -7.44 12.75
CA ASN B 162 -5.26 -6.31 11.92
C ASN B 162 -4.77 -6.50 10.50
N ALA B 163 -5.57 -6.09 9.54
CA ALA B 163 -5.23 -6.21 8.12
C ALA B 163 -5.07 -4.81 7.55
N VAL B 164 -3.93 -4.57 6.90
CA VAL B 164 -3.68 -3.30 6.22
C VAL B 164 -3.75 -3.59 4.73
N VAL B 165 -4.86 -3.19 4.13
CA VAL B 165 -5.16 -3.46 2.72
C VAL B 165 -4.69 -2.28 1.89
N ASN B 166 -3.81 -2.54 0.94
CA ASN B 166 -3.24 -1.50 0.10
C ASN B 166 -3.72 -1.72 -1.32
N MET B 167 -4.58 -0.81 -1.77
CA MET B 167 -5.17 -0.91 -3.09
C MET B 167 -4.77 0.28 -3.95
N ARG B 168 -4.59 0.01 -5.23
CA ARG B 168 -4.24 1.00 -6.23
C ARG B 168 -5.49 1.81 -6.61
N SER B 169 -6.63 1.13 -6.66
CA SER B 169 -7.82 1.65 -7.31
C SER B 169 -8.99 0.87 -6.74
N ASN B 170 -10.07 1.56 -6.40
CA ASN B 170 -11.24 0.88 -5.82
C ASN B 170 -12.49 1.68 -6.10
N ASP B 171 -13.43 1.04 -6.79
CA ASP B 171 -14.76 1.57 -7.01
C ASP B 171 -15.55 1.52 -5.70
N VAL B 172 -16.05 2.67 -5.27
CA VAL B 172 -16.73 2.84 -3.99
C VAL B 172 -18.00 1.99 -3.86
N VAL B 173 -18.72 1.80 -4.96
CA VAL B 173 -20.03 1.17 -4.91
C VAL B 173 -19.98 -0.36 -5.06
N PHE B 174 -19.55 -0.87 -6.20
CA PHE B 174 -19.43 -2.31 -6.39
C PHE B 174 -18.14 -2.88 -5.80
N GLY B 175 -17.01 -2.23 -6.12
CA GLY B 175 -15.72 -2.73 -5.72
C GLY B 175 -15.55 -2.87 -4.22
N PHE B 176 -15.79 -1.80 -3.46
CA PHE B 176 -15.51 -1.86 -2.03
C PHE B 176 -16.36 -2.93 -1.33
N ARG B 177 -17.63 -3.01 -1.69
CA ARG B 177 -18.52 -3.99 -1.07
C ARG B 177 -18.00 -5.42 -1.28
N ASN B 178 -17.68 -5.76 -2.54
CA ASN B 178 -17.16 -7.08 -2.87
C ASN B 178 -15.80 -7.32 -2.23
N ASP B 179 -14.90 -6.34 -2.35
CA ASP B 179 -13.53 -6.50 -1.88
C ASP B 179 -13.48 -6.59 -0.37
N TYR B 180 -14.34 -5.82 0.30
CA TYR B 180 -14.40 -5.88 1.76
C TYR B 180 -14.83 -7.28 2.20
N ALA B 181 -15.89 -7.80 1.60
CA ALA B 181 -16.37 -9.13 1.94
C ALA B 181 -15.25 -10.16 1.80
N TRP B 182 -14.45 -10.04 0.74
CA TRP B 182 -13.32 -10.93 0.52
C TRP B 182 -12.26 -10.76 1.60
N GLN B 183 -11.85 -9.53 1.87
CA GLN B 183 -10.80 -9.33 2.86
C GLN B 183 -11.23 -9.76 4.26
N LYS B 184 -12.52 -9.57 4.58
CA LYS B 184 -13.06 -10.01 5.86
C LYS B 184 -13.02 -11.55 5.95
N TYR B 185 -13.37 -12.20 4.84
CA TYR B 185 -13.33 -13.65 4.74
C TYR B 185 -11.91 -14.19 5.01
N VAL B 186 -10.91 -13.60 4.35
CA VAL B 186 -9.54 -14.06 4.51
C VAL B 186 -9.03 -13.80 5.92
N LEU B 187 -9.38 -12.64 6.48
CA LEU B 187 -8.95 -12.32 7.84
C LEU B 187 -9.53 -13.35 8.83
N ASP B 188 -10.82 -13.65 8.72
CA ASP B 188 -11.45 -14.65 9.60
C ASP B 188 -10.82 -16.03 9.44
N LYS B 189 -10.57 -16.42 8.19
CA LYS B 189 -9.85 -17.65 7.88
C LYS B 189 -8.48 -17.71 8.56
N LEU B 190 -7.69 -16.65 8.42
CA LEU B 190 -6.34 -16.62 8.99
C LEU B 190 -6.40 -16.70 10.52
N VAL B 191 -7.35 -16.00 11.13
CA VAL B 191 -7.57 -16.11 12.57
C VAL B 191 -7.87 -17.56 12.99
N SER B 192 -8.75 -18.21 12.23
CA SER B 192 -9.14 -19.60 12.49
C SER B 192 -7.96 -20.54 12.41
N ASP B 193 -7.19 -20.42 11.34
CA ASP B 193 -6.06 -21.31 11.10
C ASP B 193 -4.97 -21.13 12.14
N LEU B 194 -4.72 -19.89 12.57
CA LEU B 194 -3.73 -19.68 13.61
C LEU B 194 -4.20 -20.22 14.95
N ASN B 195 -5.49 -20.05 15.24
CA ASN B 195 -6.05 -20.55 16.48
C ASN B 195 -6.09 -22.08 16.52
N ALA B 196 -6.34 -22.69 15.36
CA ALA B 196 -6.34 -24.15 15.25
C ALA B 196 -4.93 -24.73 15.47
N GLY B 197 -3.91 -23.90 15.21
CA GLY B 197 -2.53 -24.34 15.36
C GLY B 197 -2.09 -24.44 16.80
N ASP B 198 -2.70 -23.64 17.66
CA ASP B 198 -2.32 -23.57 19.08
C ASP B 198 -3.47 -22.94 19.85
N SER B 199 -4.06 -23.74 20.75
CA SER B 199 -5.28 -23.33 21.44
C SER B 199 -5.07 -22.20 22.45
N THR B 200 -3.82 -21.91 22.78
CA THR B 200 -3.52 -20.83 23.72
C THR B 200 -3.37 -19.46 23.04
N ARG B 201 -3.41 -19.43 21.71
CA ARG B 201 -3.26 -18.18 20.98
C ARG B 201 -4.46 -17.28 21.20
N GLN B 202 -5.67 -17.82 21.01
CA GLN B 202 -6.91 -17.10 21.24
C GLN B 202 -6.95 -15.75 20.52
N TYR B 203 -6.49 -15.75 19.26
CA TYR B 203 -6.53 -14.55 18.44
C TYR B 203 -7.95 -14.20 18.04
N LYS B 204 -8.16 -12.92 17.76
CA LYS B 204 -9.45 -12.41 17.36
C LYS B 204 -9.21 -11.52 16.14
N ALA B 205 -10.18 -11.44 15.25
CA ALA B 205 -10.10 -10.51 14.13
C ALA B 205 -10.06 -9.07 14.65
N GLY B 206 -9.13 -8.29 14.12
CA GLY B 206 -9.03 -6.89 14.51
C GLY B 206 -9.65 -5.97 13.46
N SER B 207 -8.99 -4.85 13.19
CA SER B 207 -9.48 -3.86 12.25
C SER B 207 -8.97 -4.14 10.85
N ILE B 208 -9.79 -3.80 9.86
CA ILE B 208 -9.33 -3.78 8.49
C ILE B 208 -9.13 -2.32 8.08
N ILE B 209 -7.87 -1.95 7.85
CA ILE B 209 -7.50 -0.60 7.44
C ILE B 209 -7.34 -0.56 5.92
N TRP B 210 -8.10 0.33 5.30
CA TRP B 210 -8.23 0.39 3.85
C TRP B 210 -7.42 1.58 3.33
N ASN B 211 -6.42 1.31 2.49
CA ASN B 211 -5.56 2.36 1.91
C ASN B 211 -5.73 2.31 0.40
N VAL B 212 -6.22 3.38 -0.22
CA VAL B 212 -6.51 3.34 -1.65
C VAL B 212 -5.88 4.53 -2.38
N GLY B 213 -5.22 4.24 -3.49
CA GLY B 213 -4.61 5.32 -4.26
C GLY B 213 -5.67 6.24 -4.84
N SER B 214 -6.62 5.63 -5.55
CA SER B 214 -7.77 6.36 -6.07
C SER B 214 -9.06 5.64 -5.66
N LEU B 215 -9.79 6.23 -4.71
CA LEU B 215 -11.09 5.72 -4.31
C LEU B 215 -12.14 6.56 -5.00
N HIS B 216 -12.91 5.95 -5.90
CA HIS B 216 -13.74 6.74 -6.79
C HIS B 216 -15.17 6.23 -6.95
N VAL B 217 -16.05 7.14 -7.32
CA VAL B 217 -17.43 6.83 -7.71
C VAL B 217 -17.59 7.20 -9.18
N TYR B 218 -18.13 6.27 -9.97
CA TYR B 218 -18.46 6.54 -11.38
C TYR B 218 -19.74 7.37 -11.47
N SER B 219 -19.88 8.13 -12.56
CA SER B 219 -21.02 9.03 -12.73
C SER B 219 -22.39 8.33 -12.70
N ARG B 220 -22.43 7.07 -13.13
CA ARG B 220 -23.67 6.29 -13.10
C ARG B 220 -24.13 6.02 -11.67
N HIS B 221 -23.28 6.31 -10.69
CA HIS B 221 -23.64 6.13 -9.28
C HIS B 221 -23.73 7.44 -8.52
N PHE B 222 -23.63 8.56 -9.23
CA PHE B 222 -23.68 9.88 -8.58
C PHE B 222 -24.99 10.06 -7.82
N TYR B 223 -26.07 9.49 -8.35
CA TYR B 223 -27.38 9.64 -7.73
C TYR B 223 -27.44 9.08 -6.31
N LEU B 224 -26.63 8.05 -6.05
CA LEU B 224 -26.52 7.50 -4.70
C LEU B 224 -25.85 8.46 -3.73
N VAL B 225 -24.76 9.10 -4.15
CA VAL B 225 -24.05 10.06 -3.30
C VAL B 225 -24.94 11.27 -3.04
N ASP B 226 -25.59 11.72 -4.10
CA ASP B 226 -26.49 12.87 -4.06
C ASP B 226 -27.66 12.63 -3.10
N HIS B 227 -28.30 11.47 -3.24
CA HIS B 227 -29.41 11.12 -2.38
C HIS B 227 -28.97 11.02 -0.93
N TRP B 228 -27.81 10.42 -0.69
CA TRP B 228 -27.30 10.32 0.67
C TRP B 228 -27.02 11.71 1.21
N TRP B 229 -26.52 12.59 0.33
CA TRP B 229 -26.19 13.95 0.70
C TRP B 229 -27.42 14.70 1.21
N LYS B 230 -28.57 14.43 0.57
CA LYS B 230 -29.82 15.09 0.91
C LYS B 230 -30.55 14.44 2.10
N THR B 231 -30.48 13.12 2.20
CA THR B 231 -31.37 12.39 3.12
C THR B 231 -30.65 11.56 4.18
N GLY B 232 -29.39 11.20 3.92
CA GLY B 232 -28.65 10.36 4.84
C GLY B 232 -28.91 8.89 4.64
N GLU B 233 -29.68 8.56 3.60
CA GLU B 233 -29.93 7.17 3.24
C GLU B 233 -28.83 6.70 2.28
N THR B 234 -28.26 5.53 2.57
CA THR B 234 -27.10 5.05 1.82
C THR B 234 -27.47 4.29 0.56
N HIS B 235 -28.77 4.15 0.30
CA HIS B 235 -29.27 3.46 -0.88
C HIS B 235 -30.65 3.97 -1.33
N ILE B 236 -30.86 4.12 -2.64
CA ILE B 236 -32.20 4.23 -3.24
C ILE B 236 -32.22 3.29 -4.43
N SER B 237 -33.44 2.95 -4.86
CA SER B 237 -33.64 2.43 -6.20
C SER B 237 -33.39 3.55 -7.21
N LYS B 238 -32.82 3.20 -8.36
CA LYS B 238 -32.63 4.17 -9.44
C LYS B 238 -33.97 4.79 -9.82
N LYS B 239 -35.02 3.98 -9.72
CA LYS B 239 -36.38 4.37 -10.09
C LYS B 239 -37.04 5.31 -9.08
N ASP B 240 -36.69 5.13 -7.81
CA ASP B 240 -37.24 5.96 -6.74
C ASP B 240 -36.52 7.30 -6.61
N TYR B 241 -35.36 7.41 -7.26
CA TYR B 241 -34.48 8.57 -7.08
C TYR B 241 -35.10 9.87 -7.61
#